data_4E1T
#
_entry.id   4E1T
#
_cell.length_a   79.404
_cell.length_b   124.885
_cell.length_c   65.073
_cell.angle_alpha   90.00
_cell.angle_beta   90.00
_cell.angle_gamma   90.00
#
_symmetry.space_group_name_H-M   'C 2 2 21'
#
loop_
_entity.id
_entity.type
_entity.pdbx_description
1 polymer Invasin
2 non-polymer '(2R)-2,3-dihydroxypropyl (9Z)-octadec-9-enoate'
3 non-polymer '(2S)-2,3-dihydroxypropyl (9Z)-octadec-9-enoate'
4 water water
#
_entity_poly.entity_id   1
_entity_poly.type   'polypeptide(L)'
_entity_poly.pdbx_seq_one_letter_code
;MNRFGTAQVNLNFDKNFSLKESSLDWLAPWYDSASFLFFSQLGIRNKDSRNTLNLGVGIRTLENGWLYGLNTFYDNDLTG
HNHRIGLGAEAWTDYLQLAANGYFRLNGWHSSRDFSDYKERPATGGDLRANAYLPALPQLGGKLMYEQYTGERVALFGKD
NLQRNPYAVTAGINYTPVPLLTVGVDQRMGKSSKHETQWNLQMNYRFGESFQSQLSPSAVAGTRLLAESRYNLVDRNNNI
VLEYQ
;
_entity_poly.pdbx_strand_id   A
#
loop_
_chem_comp.id
_chem_comp.type
_chem_comp.name
_chem_comp.formula
OLB non-polymer '(2S)-2,3-dihydroxypropyl (9Z)-octadec-9-enoate' 'C21 H40 O4'
OLC non-polymer '(2R)-2,3-dihydroxypropyl (9Z)-octadec-9-enoate' 'C21 H40 O4'
#
# COMPACT_ATOMS: atom_id res chain seq x y z
N MET A 1 -15.24 -23.36 3.35
CA MET A 1 -15.92 -22.10 2.89
C MET A 1 -15.88 -21.88 1.34
N ASN A 2 -15.14 -20.83 0.92
CA ASN A 2 -15.32 -20.16 -0.38
C ASN A 2 -14.14 -19.19 -0.67
N ARG A 3 -13.77 -18.36 0.29
CA ARG A 3 -12.67 -17.40 0.08
C ARG A 3 -11.58 -17.55 1.17
N PHE A 4 -10.33 -17.79 0.76
CA PHE A 4 -9.27 -18.03 1.77
C PHE A 4 -8.11 -17.02 1.70
N GLY A 5 -8.39 -15.85 1.16
CA GLY A 5 -7.43 -14.79 1.12
C GLY A 5 -6.86 -14.45 -0.23
N THR A 6 -5.98 -13.47 -0.21
CA THR A 6 -5.50 -12.86 -1.42
C THR A 6 -3.98 -12.82 -1.39
N ALA A 7 -3.39 -13.09 -2.56
CA ALA A 7 -1.99 -12.86 -2.74
C ALA A 7 -1.87 -11.78 -3.83
N GLN A 8 -0.97 -10.83 -3.61
CA GLN A 8 -0.79 -9.71 -4.51
C GLN A 8 0.68 -9.49 -4.90
N VAL A 9 0.97 -9.54 -6.20
CA VAL A 9 2.27 -9.09 -6.71
C VAL A 9 2.27 -7.66 -7.24
N ASN A 10 3.28 -6.87 -6.83
CA ASN A 10 3.38 -5.50 -7.40
C ASN A 10 4.78 -5.29 -7.98
N LEU A 11 4.79 -4.77 -9.21
CA LEU A 11 5.99 -4.29 -9.87
C LEU A 11 5.84 -2.79 -10.23
N ASN A 12 6.71 -1.96 -9.68
CA ASN A 12 6.63 -0.52 -9.88
C ASN A 12 7.86 0.03 -10.67
N PHE A 13 7.59 0.92 -11.62
CA PHE A 13 8.55 1.42 -12.59
C PHE A 13 8.57 2.92 -12.51
N ASP A 14 9.74 3.50 -12.78
CA ASP A 14 9.85 4.96 -12.83
C ASP A 14 9.42 5.46 -14.23
N LYS A 15 9.63 6.76 -14.51
CA LYS A 15 9.32 7.41 -15.81
C LYS A 15 9.83 6.67 -17.05
N ASN A 16 11.01 6.08 -16.92
CA ASN A 16 11.66 5.38 -18.03
C ASN A 16 11.33 3.86 -18.08
N PHE A 17 10.29 3.45 -17.36
CA PHE A 17 9.97 2.02 -17.11
C PHE A 17 11.21 1.22 -16.67
N SER A 18 12.02 1.83 -15.81
CA SER A 18 13.11 1.16 -15.13
C SER A 18 12.54 0.66 -13.79
N LEU A 19 12.67 -0.64 -13.54
CA LEU A 19 11.94 -1.26 -12.47
C LEU A 19 12.52 -0.84 -11.11
N LYS A 20 11.66 -0.30 -10.26
CA LYS A 20 12.09 0.30 -9.01
C LYS A 20 11.76 -0.53 -7.81
N GLU A 21 10.68 -1.28 -7.86
CA GLU A 21 10.25 -2.07 -6.72
C GLU A 21 9.49 -3.32 -7.12
N SER A 22 9.75 -4.41 -6.40
CA SER A 22 8.93 -5.59 -6.57
C SER A 22 8.44 -6.06 -5.21
N SER A 23 7.17 -6.50 -5.14
CA SER A 23 6.62 -6.96 -3.85
C SER A 23 5.68 -8.16 -3.96
N LEU A 24 5.53 -8.85 -2.83
CA LEU A 24 4.53 -9.88 -2.68
C LEU A 24 3.87 -9.73 -1.31
N ASP A 25 2.56 -9.52 -1.32
CA ASP A 25 1.79 -9.37 -0.09
C ASP A 25 0.69 -10.46 -0.02
N TRP A 26 0.44 -11.00 1.20
CA TRP A 26 -0.59 -12.05 1.37
C TRP A 26 -1.51 -11.77 2.56
N LEU A 27 -2.82 -11.70 2.33
CA LEU A 27 -3.76 -11.49 3.43
C LEU A 27 -4.37 -12.82 3.74
N ALA A 28 -4.50 -13.17 5.01
CA ALA A 28 -5.16 -14.46 5.33
C ALA A 28 -6.21 -14.21 6.37
N PRO A 29 -7.47 -14.59 6.08
CA PRO A 29 -8.53 -14.49 7.10
C PRO A 29 -8.42 -15.62 8.12
N TRP A 30 -8.33 -15.27 9.42
CA TRP A 30 -8.26 -16.34 10.45
C TRP A 30 -9.65 -16.64 11.00
N TYR A 31 -10.51 -15.63 11.01
CA TYR A 31 -11.87 -15.80 11.42
C TYR A 31 -12.71 -14.90 10.56
N ASP A 32 -13.73 -15.51 9.95
CA ASP A 32 -14.52 -14.88 8.92
C ASP A 32 -16.02 -15.09 9.20
N SER A 33 -16.65 -14.05 9.75
CA SER A 33 -18.09 -14.07 9.88
C SER A 33 -18.71 -12.93 9.10
N ALA A 34 -20.01 -13.06 8.87
CA ALA A 34 -20.80 -12.11 8.12
C ALA A 34 -20.78 -10.64 8.60
N SER A 35 -20.14 -10.37 9.73
CA SER A 35 -20.08 -9.00 10.28
C SER A 35 -18.69 -8.66 10.76
N PHE A 36 -17.86 -9.67 11.07
CA PHE A 36 -16.50 -9.49 11.64
C PHE A 36 -15.47 -10.42 11.01
N LEU A 37 -14.39 -9.83 10.54
CA LEU A 37 -13.28 -10.54 9.94
C LEU A 37 -11.99 -10.20 10.71
N PHE A 38 -11.21 -11.20 11.07
CA PHE A 38 -9.87 -10.98 11.61
C PHE A 38 -8.84 -11.55 10.66
N PHE A 39 -7.83 -10.77 10.30
CA PHE A 39 -6.88 -11.25 9.28
C PHE A 39 -5.45 -10.99 9.68
N SER A 40 -4.53 -11.69 9.02
CA SER A 40 -3.10 -11.38 9.02
C SER A 40 -2.65 -10.97 7.64
N GLN A 41 -1.68 -10.07 7.57
CA GLN A 41 -1.07 -9.69 6.27
C GLN A 41 0.46 -9.80 6.46
N LEU A 42 1.14 -10.41 5.48
CA LEU A 42 2.60 -10.60 5.49
C LEU A 42 3.11 -10.11 4.16
N GLY A 43 4.18 -9.33 4.18
CA GLY A 43 4.68 -8.75 2.93
C GLY A 43 6.19 -8.75 2.85
N ILE A 44 6.68 -8.83 1.62
CA ILE A 44 8.10 -8.71 1.40
C ILE A 44 8.35 -7.90 0.12
N ARG A 45 9.43 -7.12 0.12
CA ARG A 45 9.67 -6.24 -0.98
C ARG A 45 11.13 -5.86 -1.11
N ASN A 46 11.50 -5.55 -2.34
CA ASN A 46 12.85 -5.07 -2.61
C ASN A 46 12.76 -3.69 -3.29
N LYS A 47 13.53 -2.74 -2.78
CA LYS A 47 13.53 -1.35 -3.27
C LYS A 47 14.78 -0.58 -2.83
N ASP A 48 15.45 0.07 -3.78
CA ASP A 48 16.73 0.76 -3.57
C ASP A 48 17.70 -0.16 -2.82
N SER A 49 17.93 -1.36 -3.33
CA SER A 49 18.88 -2.32 -2.71
C SER A 49 18.56 -2.66 -1.22
N ARG A 50 17.29 -2.60 -0.84
CA ARG A 50 16.90 -2.88 0.53
C ARG A 50 15.73 -3.89 0.49
N ASN A 51 15.74 -4.88 1.38
CA ASN A 51 14.60 -5.81 1.51
C ASN A 51 13.89 -5.60 2.82
N THR A 52 12.56 -5.46 2.75
CA THR A 52 11.73 -5.17 3.91
C THR A 52 10.68 -6.29 4.10
N LEU A 53 10.44 -6.66 5.34
CA LEU A 53 9.43 -7.63 5.71
C LEU A 53 8.37 -6.81 6.43
N ASN A 54 7.10 -7.03 6.09
CA ASN A 54 5.99 -6.40 6.78
C ASN A 54 5.14 -7.50 7.36
N LEU A 55 4.74 -7.34 8.62
CA LEU A 55 3.92 -8.32 9.33
C LEU A 55 2.77 -7.56 10.03
N GLY A 56 1.51 -7.84 9.73
CA GLY A 56 0.41 -7.04 10.30
C GLY A 56 -0.80 -7.91 10.61
N VAL A 57 -1.64 -7.41 11.54
CA VAL A 57 -2.94 -7.94 11.79
C VAL A 57 -3.94 -6.81 11.66
N GLY A 58 -5.22 -7.17 11.49
CA GLY A 58 -6.25 -6.23 11.12
C GLY A 58 -7.62 -6.83 11.41
N ILE A 59 -8.58 -5.96 11.75
CA ILE A 59 -9.99 -6.42 11.84
C ILE A 59 -10.82 -5.50 10.95
N ARG A 60 -11.89 -6.09 10.39
CA ARG A 60 -12.90 -5.40 9.57
C ARG A 60 -14.29 -5.81 10.04
N THR A 61 -15.16 -4.81 10.21
CA THR A 61 -16.53 -5.07 10.60
C THR A 61 -17.46 -4.35 9.62
N LEU A 62 -18.64 -4.93 9.39
CA LEU A 62 -19.59 -4.48 8.39
C LEU A 62 -20.86 -3.95 9.05
N GLU A 63 -21.23 -2.72 8.72
CA GLU A 63 -22.45 -2.10 9.23
C GLU A 63 -23.10 -1.22 8.18
N ASN A 64 -24.33 -1.58 7.83
CA ASN A 64 -25.25 -0.71 7.07
C ASN A 64 -24.61 -0.21 5.80
N GLY A 65 -24.10 -1.14 5.02
CA GLY A 65 -23.49 -0.83 3.74
C GLY A 65 -22.05 -0.31 3.76
N TRP A 66 -21.47 -0.18 4.95
CA TRP A 66 -20.11 0.25 5.13
C TRP A 66 -19.24 -0.84 5.77
N LEU A 67 -17.92 -0.75 5.58
CA LEU A 67 -16.96 -1.61 6.26
C LEU A 67 -15.94 -0.71 6.96
N TYR A 68 -15.76 -0.94 8.24
CA TYR A 68 -14.79 -0.20 9.07
C TYR A 68 -13.69 -1.18 9.47
N GLY A 69 -12.44 -0.75 9.34
CA GLY A 69 -11.33 -1.60 9.73
C GLY A 69 -10.31 -0.87 10.58
N LEU A 70 -9.55 -1.64 11.38
CA LEU A 70 -8.31 -1.19 12.01
C LEU A 70 -7.23 -2.22 11.74
N ASN A 71 -5.99 -1.76 11.62
CA ASN A 71 -4.87 -2.68 11.44
C ASN A 71 -3.60 -2.13 12.14
N THR A 72 -2.63 -3.02 12.44
CA THR A 72 -1.29 -2.60 12.84
C THR A 72 -0.25 -3.46 12.21
N PHE A 73 0.90 -2.86 11.96
CA PHE A 73 1.99 -3.51 11.30
C PHE A 73 3.30 -3.29 12.03
N TYR A 74 4.14 -4.29 12.00
CA TYR A 74 5.55 -4.16 12.28
C TYR A 74 6.27 -4.21 10.91
N ASP A 75 6.93 -3.13 10.50
CA ASP A 75 7.75 -3.10 9.29
C ASP A 75 9.24 -3.20 9.66
N ASN A 76 9.98 -3.96 8.87
CA ASN A 76 11.38 -4.31 9.18
C ASN A 76 12.23 -4.29 7.93
N ASP A 77 12.94 -3.19 7.71
CA ASP A 77 13.94 -3.08 6.68
C ASP A 77 15.10 -3.92 7.12
N LEU A 78 15.22 -5.13 6.55
CA LEU A 78 16.26 -6.11 6.93
C LEU A 78 17.65 -5.66 6.51
N THR A 79 17.74 -4.76 5.53
CA THR A 79 19.05 -4.40 5.00
C THR A 79 19.76 -3.34 5.84
N GLY A 80 19.10 -2.21 6.05
CA GLY A 80 19.63 -1.20 6.98
C GLY A 80 19.15 -1.31 8.43
N HIS A 81 18.52 -2.42 8.80
CA HIS A 81 18.03 -2.64 10.19
C HIS A 81 17.16 -1.44 10.71
N ASN A 82 16.08 -1.12 9.98
CA ASN A 82 15.22 -0.04 10.41
C ASN A 82 13.85 -0.58 10.79
N HIS A 83 13.39 -0.18 11.98
CA HIS A 83 12.17 -0.77 12.54
C HIS A 83 11.07 0.24 12.74
N ARG A 84 9.89 -0.14 12.30
CA ARG A 84 8.78 0.78 12.34
C ARG A 84 7.45 0.11 12.75
N ILE A 85 6.69 0.80 13.57
CA ILE A 85 5.33 0.35 13.80
C ILE A 85 4.35 1.24 13.06
N GLY A 86 3.30 0.60 12.53
CA GLY A 86 2.23 1.34 11.85
C GLY A 86 0.81 1.07 12.39
N LEU A 87 -0.08 2.07 12.32
CA LEU A 87 -1.51 1.91 12.63
C LEU A 87 -2.29 2.39 11.39
N GLY A 88 -3.43 1.78 11.14
CA GLY A 88 -4.20 2.06 9.95
C GLY A 88 -5.66 1.94 10.34
N ALA A 89 -6.51 2.78 9.72
CA ALA A 89 -7.97 2.72 9.81
C ALA A 89 -8.59 2.61 8.38
N GLU A 90 -9.76 2.00 8.27
CA GLU A 90 -10.44 1.89 6.97
C GLU A 90 -11.92 2.27 7.06
N ALA A 91 -12.41 2.94 6.04
CA ALA A 91 -13.85 3.18 5.93
C ALA A 91 -14.15 2.95 4.44
N TRP A 92 -14.82 1.85 4.13
CA TRP A 92 -15.03 1.43 2.74
C TRP A 92 -16.49 1.15 2.48
N THR A 93 -16.93 1.46 1.27
CA THR A 93 -18.22 1.01 0.79
C THR A 93 -18.08 0.45 -0.63
N ASP A 94 -19.17 0.07 -1.25
CA ASP A 94 -19.13 -0.41 -2.60
C ASP A 94 -18.43 0.66 -3.46
N TYR A 95 -17.36 0.26 -4.18
CA TYR A 95 -16.68 1.19 -5.11
C TYR A 95 -15.81 2.25 -4.44
N LEU A 96 -15.73 2.29 -3.13
CA LEU A 96 -15.04 3.43 -2.51
C LEU A 96 -14.31 2.98 -1.30
N GLN A 97 -12.99 3.09 -1.34
CA GLN A 97 -12.17 2.73 -0.19
C GLN A 97 -11.38 3.89 0.37
N LEU A 98 -11.68 4.28 1.60
CA LEU A 98 -10.92 5.34 2.29
C LEU A 98 -9.99 4.72 3.33
N ALA A 99 -8.80 5.30 3.48
CA ALA A 99 -7.87 4.80 4.50
C ALA A 99 -7.01 5.92 5.02
N ALA A 100 -6.61 5.77 6.30
CA ALA A 100 -5.69 6.69 7.02
C ALA A 100 -4.60 5.80 7.62
N ASN A 101 -3.33 6.17 7.45
CA ASN A 101 -2.25 5.41 8.06
C ASN A 101 -1.28 6.30 8.83
N GLY A 102 -0.75 5.76 9.92
CA GLY A 102 0.31 6.42 10.71
C GLY A 102 1.52 5.49 10.72
N TYR A 103 2.72 6.09 10.73
CA TYR A 103 3.99 5.34 10.68
C TYR A 103 4.94 5.88 11.72
N PHE A 104 5.41 5.03 12.63
CA PHE A 104 6.18 5.50 13.79
C PHE A 104 7.51 4.74 13.96
N ARG A 105 8.61 5.45 14.12
CA ARG A 105 9.92 4.81 14.36
C ARG A 105 9.98 4.03 15.67
N LEU A 106 10.79 2.98 15.65
CA LEU A 106 11.01 2.10 16.81
C LEU A 106 12.49 2.14 17.14
N ASN A 107 13.33 2.44 16.17
CA ASN A 107 14.75 2.58 16.46
C ASN A 107 15.28 3.95 16.11
N GLY A 108 16.48 4.25 16.59
CA GLY A 108 17.06 5.60 16.50
C GLY A 108 18.17 5.69 15.47
N TRP A 109 18.87 6.83 15.42
CA TRP A 109 19.95 7.07 14.49
C TRP A 109 20.98 5.95 14.54
N HIS A 110 21.39 5.43 13.38
CA HIS A 110 22.50 4.47 13.29
C HIS A 110 23.14 4.62 11.91
N SER A 111 24.35 4.12 11.73
CA SER A 111 25.07 4.24 10.46
C SER A 111 24.25 3.87 9.27
N SER A 112 24.43 4.62 8.19
CA SER A 112 23.66 4.47 6.98
C SER A 112 24.51 3.95 5.84
N ARG A 113 23.99 2.92 5.15
CA ARG A 113 24.66 2.38 3.93
C ARG A 113 24.59 3.36 2.75
N ASP A 114 23.83 4.42 2.92
CA ASP A 114 23.65 5.39 1.87
C ASP A 114 24.66 6.54 1.94
N PHE A 115 24.85 7.08 3.14
CA PHE A 115 25.82 8.15 3.33
C PHE A 115 26.81 7.76 4.38
N SER A 116 27.99 7.37 3.95
CA SER A 116 29.12 7.36 4.85
C SER A 116 29.07 8.76 5.44
N ASP A 117 29.33 8.86 6.74
CA ASP A 117 29.42 10.17 7.43
C ASP A 117 28.10 10.74 8.02
N TYR A 118 26.94 10.12 7.72
CA TYR A 118 25.63 10.49 8.35
C TYR A 118 24.73 9.30 8.78
N LYS A 119 23.77 9.55 9.68
CA LYS A 119 22.95 8.50 10.26
C LYS A 119 21.57 8.47 9.60
N GLU A 120 20.83 7.39 9.78
CA GLU A 120 19.49 7.26 9.22
C GLU A 120 18.56 6.68 10.27
N ARG A 121 17.27 6.88 10.07
CA ARG A 121 16.30 6.19 10.94
C ARG A 121 14.94 6.39 10.30
N PRO A 122 13.91 5.69 10.81
CA PRO A 122 12.62 5.86 10.18
C PRO A 122 12.05 7.27 10.41
N ALA A 123 11.53 7.88 9.36
CA ALA A 123 10.83 9.16 9.53
C ALA A 123 9.40 8.87 9.98
N THR A 124 8.94 9.63 10.95
CA THR A 124 7.56 9.57 11.40
C THR A 124 6.65 10.30 10.42
N GLY A 125 5.46 9.80 10.21
CA GLY A 125 4.52 10.45 9.34
C GLY A 125 3.21 9.71 9.26
N GLY A 126 2.39 10.09 8.28
CA GLY A 126 1.16 9.40 7.97
C GLY A 126 0.63 9.72 6.59
N ASP A 127 -0.45 9.03 6.20
CA ASP A 127 -1.12 9.39 4.96
C ASP A 127 -2.63 9.16 4.96
N LEU A 128 -3.26 9.77 3.95
CA LEU A 128 -4.71 9.71 3.70
C LEU A 128 -4.86 9.19 2.31
N ARG A 129 -5.63 8.13 2.12
CA ARG A 129 -5.80 7.54 0.76
C ARG A 129 -7.28 7.40 0.36
N ALA A 130 -7.54 7.54 -0.93
CA ALA A 130 -8.87 7.17 -1.46
C ALA A 130 -8.71 6.42 -2.77
N ASN A 131 -9.31 5.23 -2.85
CA ASN A 131 -9.43 4.41 -4.05
C ASN A 131 -10.91 4.37 -4.49
N ALA A 132 -11.24 4.84 -5.68
CA ALA A 132 -12.63 4.81 -6.17
C ALA A 132 -12.70 4.15 -7.56
N TYR A 133 -13.82 3.45 -7.84
CA TYR A 133 -14.05 2.78 -9.12
C TYR A 133 -15.41 3.19 -9.67
N LEU A 134 -15.54 3.21 -10.98
CA LEU A 134 -16.72 3.74 -11.63
C LEU A 134 -17.80 2.66 -11.64
N PRO A 135 -18.94 2.88 -10.96
CA PRO A 135 -19.99 1.87 -11.00
C PRO A 135 -20.45 1.53 -12.41
N ALA A 136 -20.38 2.47 -13.34
CA ALA A 136 -20.75 2.13 -14.71
C ALA A 136 -19.64 1.40 -15.45
N LEU A 137 -18.43 1.35 -14.89
CA LEU A 137 -17.33 0.70 -15.57
C LEU A 137 -16.35 0.40 -14.47
N PRO A 138 -16.63 -0.65 -13.70
CA PRO A 138 -15.86 -0.92 -12.52
C PRO A 138 -14.40 -1.31 -12.84
N GLN A 139 -14.08 -1.64 -14.08
CA GLN A 139 -12.67 -1.80 -14.40
C GLN A 139 -11.81 -0.50 -14.30
N LEU A 140 -12.45 0.67 -14.28
CA LEU A 140 -11.77 1.97 -14.21
C LEU A 140 -11.69 2.52 -12.81
N GLY A 141 -10.45 2.71 -12.34
CA GLY A 141 -10.21 3.18 -10.97
C GLY A 141 -9.41 4.48 -10.90
N GLY A 142 -9.67 5.25 -9.87
CA GLY A 142 -8.96 6.47 -9.59
C GLY A 142 -8.34 6.35 -8.23
N LYS A 143 -7.32 7.18 -7.99
CA LYS A 143 -6.69 7.20 -6.67
C LYS A 143 -6.21 8.64 -6.30
N LEU A 144 -6.41 9.02 -5.04
CA LEU A 144 -5.84 10.29 -4.51
C LEU A 144 -5.20 9.97 -3.18
N MET A 145 -4.02 10.52 -2.87
CA MET A 145 -3.48 10.45 -1.52
C MET A 145 -2.78 11.73 -1.16
N TYR A 146 -2.68 11.96 0.16
CA TYR A 146 -1.83 12.98 0.74
C TYR A 146 -0.92 12.27 1.78
N GLU A 147 0.40 12.57 1.75
CA GLU A 147 1.38 12.02 2.71
C GLU A 147 2.14 13.17 3.33
N GLN A 148 2.49 13.04 4.60
CA GLN A 148 3.32 14.02 5.29
C GLN A 148 4.19 13.31 6.30
N TYR A 149 5.48 13.65 6.31
CA TYR A 149 6.42 13.10 7.25
C TYR A 149 7.09 14.29 7.99
N THR A 150 7.55 14.07 9.22
CA THR A 150 8.30 15.09 10.01
C THR A 150 9.80 14.74 9.95
N GLY A 151 10.63 15.79 9.91
CA GLY A 151 12.09 15.65 9.99
C GLY A 151 12.81 16.70 9.16
N GLU A 152 14.11 16.80 9.38
CA GLU A 152 14.90 17.85 8.77
C GLU A 152 15.30 17.49 7.37
N ARG A 153 15.62 16.21 7.15
CA ARG A 153 16.21 15.72 5.92
C ARG A 153 15.64 14.32 5.68
N VAL A 154 14.39 14.33 5.21
CA VAL A 154 13.53 13.16 5.04
C VAL A 154 13.52 12.74 3.56
N ALA A 155 13.62 11.43 3.31
CA ALA A 155 13.75 10.95 1.95
C ALA A 155 12.41 10.58 1.28
N LEU A 156 11.39 11.45 1.36
CA LEU A 156 10.11 11.13 0.76
C LEU A 156 10.20 10.96 -0.76
N PHE A 157 11.04 11.77 -1.43
CA PHE A 157 11.24 11.67 -2.87
C PHE A 157 12.64 11.03 -3.15
N GLY A 158 13.06 10.15 -2.25
CA GLY A 158 14.35 9.43 -2.32
C GLY A 158 15.51 10.20 -1.70
N LYS A 159 16.62 9.48 -1.51
CA LYS A 159 17.79 9.98 -0.80
C LYS A 159 18.55 11.13 -1.48
N ASP A 160 18.32 11.33 -2.77
CA ASP A 160 18.98 12.39 -3.53
C ASP A 160 18.06 13.60 -3.61
N ASN A 161 17.01 13.59 -2.79
CA ASN A 161 15.96 14.61 -2.77
C ASN A 161 15.42 14.78 -1.35
N LEU A 162 16.33 14.90 -0.37
CA LEU A 162 15.95 15.04 1.03
C LEU A 162 15.32 16.40 1.27
N GLN A 163 14.30 16.42 2.14
CA GLN A 163 13.59 17.69 2.35
C GLN A 163 13.23 17.84 3.82
N ARG A 164 12.98 19.09 4.25
CA ARG A 164 12.42 19.33 5.59
C ARG A 164 10.89 19.07 5.64
N ASN A 165 10.45 18.23 6.59
CA ASN A 165 9.02 17.97 6.83
C ASN A 165 8.20 17.87 5.54
N PRO A 166 8.62 17.02 4.58
CA PRO A 166 7.95 17.03 3.26
C PRO A 166 6.55 16.40 3.26
N TYR A 167 5.79 16.80 2.25
CA TYR A 167 4.51 16.21 1.92
C TYR A 167 4.52 15.69 0.45
N ALA A 168 3.54 14.87 0.10
CA ALA A 168 3.33 14.57 -1.29
C ALA A 168 1.84 14.39 -1.53
N VAL A 169 1.36 14.92 -2.65
CA VAL A 169 0.03 14.59 -3.11
C VAL A 169 0.17 13.67 -4.30
N THR A 170 -0.51 12.51 -4.26
CA THR A 170 -0.65 11.63 -5.42
C THR A 170 -2.01 11.60 -6.10
N ALA A 171 -1.98 11.65 -7.43
CA ALA A 171 -3.12 11.37 -8.29
C ALA A 171 -2.84 10.25 -9.30
N GLY A 172 -3.67 9.21 -9.28
CA GLY A 172 -3.48 8.06 -10.17
C GLY A 172 -4.73 7.49 -10.83
N ILE A 173 -4.51 6.88 -11.99
CA ILE A 173 -5.56 6.17 -12.73
C ILE A 173 -5.13 4.73 -12.85
N ASN A 174 -6.07 3.81 -12.90
CA ASN A 174 -5.74 2.38 -13.13
C ASN A 174 -6.87 1.62 -13.79
N TYR A 175 -6.50 0.54 -14.46
CA TYR A 175 -7.44 -0.21 -15.26
C TYR A 175 -7.30 -1.73 -14.94
N THR A 176 -8.40 -2.39 -14.63
CA THR A 176 -8.40 -3.80 -14.31
C THR A 176 -9.28 -4.52 -15.31
N PRO A 177 -8.71 -4.91 -16.47
CA PRO A 177 -9.54 -5.58 -17.49
C PRO A 177 -10.12 -6.89 -16.97
N VAL A 178 -9.52 -7.44 -15.93
CA VAL A 178 -9.83 -8.77 -15.44
C VAL A 178 -9.32 -8.79 -13.99
N PRO A 179 -10.05 -9.44 -13.07
CA PRO A 179 -9.71 -9.38 -11.63
C PRO A 179 -8.24 -9.74 -11.32
N LEU A 180 -7.64 -10.60 -12.15
CA LEU A 180 -6.24 -11.00 -11.97
C LEU A 180 -5.19 -9.90 -12.18
N LEU A 181 -5.55 -8.84 -12.89
CA LEU A 181 -4.56 -7.95 -13.47
C LEU A 181 -5.01 -6.49 -13.38
N THR A 182 -4.14 -5.65 -12.84
CA THR A 182 -4.35 -4.19 -12.82
C THR A 182 -3.12 -3.48 -13.37
N VAL A 183 -3.35 -2.45 -14.19
CA VAL A 183 -2.26 -1.56 -14.60
C VAL A 183 -2.65 -0.14 -14.22
N GLY A 184 -1.71 0.62 -13.66
CA GLY A 184 -1.97 2.01 -13.28
C GLY A 184 -0.85 2.99 -13.56
N VAL A 185 -1.16 4.29 -13.58
CA VAL A 185 -0.11 5.31 -13.56
C VAL A 185 -0.41 6.38 -12.49
N ASP A 186 0.62 6.80 -11.75
CA ASP A 186 0.52 7.82 -10.68
C ASP A 186 1.41 9.01 -10.91
N GLN A 187 0.94 10.17 -10.48
CA GLN A 187 1.78 11.35 -10.38
C GLN A 187 1.89 11.72 -8.92
N ARG A 188 3.12 11.79 -8.40
CA ARG A 188 3.38 12.24 -7.02
C ARG A 188 4.09 13.61 -7.02
N MET A 189 3.64 14.56 -6.20
CA MET A 189 4.24 15.92 -6.22
C MET A 189 4.33 16.62 -4.87
N GLY A 190 5.43 17.35 -4.65
CA GLY A 190 5.68 17.90 -3.32
C GLY A 190 6.24 19.30 -3.36
N LYS A 191 6.97 19.69 -2.32
CA LYS A 191 7.53 21.04 -2.23
C LYS A 191 8.63 21.16 -3.30
N SER A 192 8.95 22.40 -3.66
CA SER A 192 10.03 22.75 -4.59
C SER A 192 9.92 22.06 -5.93
N SER A 193 8.67 21.82 -6.34
CA SER A 193 8.37 21.09 -7.57
C SER A 193 8.98 19.68 -7.64
N LYS A 194 9.19 19.02 -6.52
CA LYS A 194 9.59 17.64 -6.59
C LYS A 194 8.43 16.86 -7.22
N HIS A 195 8.76 15.89 -8.05
CA HIS A 195 7.78 15.27 -8.88
C HIS A 195 8.22 13.85 -9.29
N GLU A 196 7.24 12.98 -9.44
CA GLU A 196 7.53 11.60 -9.74
C GLU A 196 6.39 11.03 -10.55
N THR A 197 6.72 10.42 -11.68
CA THR A 197 5.70 9.57 -12.29
C THR A 197 6.02 8.07 -12.12
N GLN A 198 5.03 7.32 -11.69
CA GLN A 198 5.21 5.93 -11.40
C GLN A 198 4.15 5.10 -12.12
N TRP A 199 4.64 4.01 -12.71
CA TRP A 199 3.84 3.00 -13.42
C TRP A 199 3.76 1.75 -12.54
N ASN A 200 2.56 1.18 -12.43
CA ASN A 200 2.31 -0.03 -11.59
C ASN A 200 1.70 -1.17 -12.39
N LEU A 201 2.26 -2.36 -12.23
CA LEU A 201 1.70 -3.60 -12.74
C LEU A 201 1.39 -4.48 -11.53
N GLN A 202 0.13 -4.86 -11.37
CA GLN A 202 -0.28 -5.57 -10.18
C GLN A 202 -1.02 -6.87 -10.52
N MET A 203 -0.68 -7.97 -9.83
CA MET A 203 -1.46 -9.19 -9.97
C MET A 203 -2.17 -9.61 -8.66
N ASN A 204 -3.42 -10.07 -8.78
CA ASN A 204 -4.19 -10.46 -7.64
C ASN A 204 -4.71 -11.88 -7.77
N TYR A 205 -4.29 -12.75 -6.86
CA TYR A 205 -4.88 -14.08 -6.85
C TYR A 205 -5.83 -14.24 -5.66
N ARG A 206 -7.08 -14.58 -5.94
CA ARG A 206 -8.08 -14.73 -4.83
C ARG A 206 -8.30 -16.19 -4.52
N PHE A 207 -7.69 -16.68 -3.43
CA PHE A 207 -7.70 -18.13 -3.14
C PHE A 207 -9.13 -18.64 -2.93
N GLY A 208 -9.53 -19.65 -3.70
CA GLY A 208 -10.90 -20.23 -3.62
C GLY A 208 -11.81 -19.86 -4.79
N GLU A 209 -11.50 -18.74 -5.44
CA GLU A 209 -12.13 -18.36 -6.70
C GLU A 209 -11.53 -19.16 -7.88
N SER A 210 -12.37 -19.60 -8.80
CA SER A 210 -11.91 -20.41 -9.91
C SER A 210 -11.00 -19.56 -10.76
N PHE A 211 -10.06 -20.20 -11.44
CA PHE A 211 -9.12 -19.46 -12.23
C PHE A 211 -9.83 -18.72 -13.37
N GLN A 212 -10.77 -19.42 -14.00
CA GLN A 212 -11.55 -18.88 -15.12
C GLN A 212 -12.25 -17.58 -14.73
N SER A 213 -12.95 -17.58 -13.60
CA SER A 213 -13.61 -16.38 -13.17
C SER A 213 -12.63 -15.22 -12.87
N GLN A 214 -11.38 -15.53 -12.55
CA GLN A 214 -10.39 -14.46 -12.31
C GLN A 214 -9.79 -13.92 -13.61
N LEU A 215 -10.10 -14.60 -14.73
CA LEU A 215 -9.85 -14.14 -16.08
C LEU A 215 -11.14 -13.67 -16.80
N SER A 216 -12.20 -13.37 -16.03
CA SER A 216 -13.46 -12.87 -16.58
C SER A 216 -13.66 -11.37 -16.47
N PRO A 217 -13.73 -10.70 -17.62
CA PRO A 217 -14.15 -9.29 -17.56
C PRO A 217 -15.44 -9.08 -16.75
N SER A 218 -16.40 -9.99 -16.84
CA SER A 218 -17.65 -9.72 -16.10
C SER A 218 -17.52 -10.00 -14.61
N ALA A 219 -16.37 -10.52 -14.17
CA ALA A 219 -16.24 -10.73 -12.73
C ALA A 219 -15.73 -9.49 -11.99
N VAL A 220 -15.27 -8.50 -12.73
CA VAL A 220 -14.63 -7.35 -12.10
C VAL A 220 -15.60 -6.52 -11.29
N ALA A 221 -16.80 -6.23 -11.81
CA ALA A 221 -17.79 -5.47 -11.05
C ALA A 221 -17.84 -5.99 -9.61
N GLY A 222 -18.04 -7.30 -9.44
CA GLY A 222 -18.10 -7.95 -8.12
C GLY A 222 -16.91 -7.73 -7.19
N THR A 223 -15.71 -7.50 -7.75
CA THR A 223 -14.51 -7.19 -6.91
C THR A 223 -14.59 -5.87 -6.18
N ARG A 224 -15.48 -4.98 -6.61
CA ARG A 224 -15.63 -3.67 -5.96
C ARG A 224 -16.69 -3.62 -4.85
N LEU A 225 -17.38 -4.72 -4.60
CA LEU A 225 -18.41 -4.77 -3.59
C LEU A 225 -17.78 -5.33 -2.33
N LEU A 226 -18.27 -4.87 -1.18
CA LEU A 226 -17.84 -5.38 0.15
C LEU A 226 -17.77 -6.91 0.30
N ALA A 227 -18.74 -7.67 -0.24
CA ALA A 227 -18.66 -9.14 -0.13
C ALA A 227 -17.28 -9.65 -0.60
N GLU A 228 -16.58 -8.88 -1.44
CA GLU A 228 -15.27 -9.31 -1.95
C GLU A 228 -14.16 -8.40 -1.51
N SER A 229 -14.41 -7.09 -1.45
CA SER A 229 -13.34 -6.16 -1.05
C SER A 229 -12.89 -6.36 0.40
N ARG A 230 -13.76 -6.97 1.19
CA ARG A 230 -13.43 -7.32 2.56
C ARG A 230 -12.12 -8.12 2.65
N TYR A 231 -11.71 -8.72 1.51
CA TYR A 231 -10.49 -9.51 1.42
C TYR A 231 -9.33 -8.77 0.81
N ASN A 232 -9.50 -7.47 0.51
CA ASN A 232 -8.42 -6.66 -0.09
C ASN A 232 -7.27 -6.49 0.89
N LEU A 233 -6.06 -6.46 0.34
CA LEU A 233 -4.87 -6.06 1.08
C LEU A 233 -5.04 -4.67 1.73
N VAL A 234 -4.36 -4.44 2.86
CA VAL A 234 -4.44 -3.13 3.52
C VAL A 234 -3.77 -2.12 2.60
N ASP A 235 -4.39 -0.96 2.41
CA ASP A 235 -3.83 0.03 1.52
C ASP A 235 -2.92 0.99 2.33
N ARG A 236 -1.63 0.67 2.33
CA ARG A 236 -0.64 1.43 3.10
C ARG A 236 0.69 1.51 2.35
N ASN A 237 1.57 2.40 2.85
CA ASN A 237 2.94 2.42 2.38
C ASN A 237 3.79 1.42 3.15
N ASN A 238 4.08 0.31 2.49
CA ASN A 238 4.86 -0.77 3.09
C ASN A 238 6.39 -0.54 3.15
N ASN A 239 6.81 0.54 2.55
CA ASN A 239 8.21 0.94 2.52
C ASN A 239 8.52 1.87 3.66
N ILE A 240 9.72 1.79 4.25
CA ILE A 240 10.04 2.70 5.38
C ILE A 240 10.78 3.96 4.89
N VAL A 241 10.07 5.09 4.97
CA VAL A 241 10.66 6.38 4.62
C VAL A 241 11.72 6.64 5.68
N LEU A 242 12.94 6.86 5.24
CA LEU A 242 14.03 7.13 6.14
C LEU A 242 14.30 8.62 6.21
N GLU A 243 14.83 9.09 7.32
CA GLU A 243 15.36 10.43 7.40
C GLU A 243 16.81 10.32 7.77
N TYR A 244 17.54 11.41 7.64
CA TYR A 244 18.96 11.40 7.86
C TYR A 244 19.40 12.58 8.71
N GLN A 245 20.55 12.45 9.36
CA GLN A 245 21.08 13.48 10.22
C GLN A 245 22.53 13.71 9.93
C18 OLC B . 3.66 -20.15 10.03
C10 OLC B . 9.12 -13.62 11.65
C9 OLC B . 10.22 -12.96 12.04
C17 OLC B . 3.77 -19.54 8.65
C11 OLC B . 8.74 -14.07 10.25
C8 OLC B . 11.34 -12.52 11.12
C24 OLC B . 20.28 -4.79 15.76
C16 OLC B . 5.06 -18.76 8.38
C12 OLC B . 7.73 -15.23 10.43
C7 OLC B . 11.96 -11.26 11.65
C15 OLC B . 5.02 -17.23 8.52
C13 OLC B . 6.58 -15.33 9.41
C6 OLC B . 13.43 -11.33 11.29
C14 OLC B . 6.44 -16.70 8.74
C5 OLC B . 14.34 -10.53 12.22
C4 OLC B . 15.45 -9.77 11.49
C3 OLC B . 15.88 -8.53 12.27
C2 OLC B . 17.06 -7.82 11.57
C21 OLC B . 18.87 -5.65 13.82
C1 OLC B . 17.07 -6.38 12.05
C22 OLC B . 18.95 -4.71 15.03
O19 OLC B . 16.67 -5.50 11.25
O25 OLC B . 20.09 -4.14 17.03
O23 OLC B . 18.84 -3.35 14.64
O20 OLC B . 17.53 -6.07 13.46
C10 OLC C . 0.19 -4.62 19.01
C9 OLC C . -0.35 -3.44 19.35
C11 OLC C . 1.52 -4.69 18.28
C8 OLC C . 0.36 -2.14 19.06
C24 OLC C . 8.42 6.82 18.77
C12 OLC C . 2.40 -5.77 18.89
C7 OLC C . -0.60 -0.97 18.91
C6 OLC C . 0.03 0.16 18.08
C5 OLC C . 0.97 1.02 18.93
C4 OLC C . 1.61 2.14 18.10
C3 OLC C . 1.71 3.49 18.82
C2 OLC C . 3.05 3.56 19.60
C21 OLC C . 6.10 5.92 19.26
C1 OLC C . 3.89 4.71 19.11
C22 OLC C . 7.49 5.61 18.71
O19 OLC C . 3.34 5.65 18.57
O25 OLC C . 9.61 6.55 19.54
O23 OLC C . 8.04 4.50 19.46
O20 OLC C . 5.36 4.70 19.29
C18 OLC D . -4.43 18.02 4.45
C10 OLC D . -12.89 15.04 3.83
C9 OLC D . -13.59 13.94 4.20
C17 OLC D . -5.24 17.80 3.18
C11 OLC D . -11.39 15.28 4.03
C8 OLC D . -13.02 12.72 4.90
C24 OLC D . -23.79 6.00 6.86
C16 OLC D . -6.07 16.52 3.22
C12 OLC D . -10.70 15.57 2.69
C7 OLC D . -14.00 11.53 4.84
C15 OLC D . -6.93 16.28 1.98
C13 OLC D . -9.35 16.26 2.84
C6 OLC D . -13.96 10.69 6.12
C14 OLC D . -8.16 15.44 2.31
C5 OLC D . -14.67 9.35 5.97
C4 OLC D . -16.06 9.36 6.60
C3 OLC D . -16.64 7.96 6.65
C2 OLC D . -17.93 7.89 5.83
C21 OLC D . -21.33 6.30 6.68
C1 OLC D . -18.99 7.12 6.60
C22 OLC D . -22.67 6.65 6.04
O19 OLC D . -18.68 6.27 7.40
O25 OLC D . -25.05 6.57 6.51
O23 OLC D . -22.80 8.09 5.99
O20 OLC D . -20.41 7.36 6.41
C18 OLC E . 8.33 -21.65 17.18
C10 OLC E . 4.65 -15.98 12.92
C9 OLC E . 3.49 -16.62 13.11
C17 OLC E . 8.39 -20.63 16.06
C11 OLC E . 5.11 -14.73 13.67
C8 OLC E . 2.38 -16.26 14.07
C24 OLC E . -9.11 -22.28 12.03
C16 OLC E . 7.62 -19.37 16.43
C12 OLC E . 6.54 -14.87 14.17
C7 OLC E . 1.59 -17.53 14.50
C15 OLC E . 7.13 -18.61 15.20
C13 OLC E . 7.06 -16.31 14.09
C6 OLC E . 0.59 -18.08 13.46
C14 OLC E . 7.08 -17.08 15.41
C5 OLC E . -0.56 -18.87 14.12
C4 OLC E . -1.64 -19.47 13.22
C3 OLC E . -2.96 -18.69 13.19
C2 OLC E . -4.20 -19.58 13.28
C21 OLC E . -6.80 -21.27 11.69
C1 OLC E . -5.12 -19.39 12.08
C22 OLC E . -8.15 -21.58 11.03
O19 OLC E . -4.67 -18.77 11.12
O25 OLC E . -10.21 -22.92 11.36
O23 OLC E . -8.77 -20.42 10.47
O20 OLC E . -6.53 -19.89 12.00
C1 OLB F . -13.67 0.18 14.04
C2 OLB F . -12.83 0.83 12.95
C3 OLB F . -12.66 2.34 13.16
C4 OLB F . -12.42 3.11 11.85
C5 OLB F . -13.30 4.36 11.68
O19 OLB F . -14.42 0.91 14.67
O20 OLB F . -13.62 -1.25 14.39
C21 OLB F . -14.75 -1.90 15.05
C22 OLB F . -14.50 -3.25 15.76
O23 OLB F . -14.75 -3.11 17.15
C24 OLB F . -15.51 -4.31 15.30
O25 OLB F . -16.27 -4.91 16.37
C6 OLB F . -13.22 5.02 10.30
C7 OLB F . -11.86 5.69 10.04
C8 OLB F . -11.89 6.77 8.95
C9 OLB F . -10.93 6.41 7.83
C10 OLB F . -10.49 7.25 6.88
C11 OLB F . -10.88 8.71 6.76
C12 OLB F . -9.82 9.43 5.92
C13 OLB F . -10.34 10.26 4.75
C14 OLB F . -9.59 10.00 3.42
C15 OLB F . -9.20 11.28 2.68
C16 OLB F . -8.62 10.95 1.29
C17 OLB F . -8.21 12.19 0.48
C18 OLB F . -6.86 12.03 -0.18
C18 OLC G . -10.19 9.63 -14.94
C10 OLC G . -16.73 7.63 -9.23
C9 OLC G . -17.56 7.04 -8.35
C17 OLC G . -11.30 9.14 -14.03
C11 OLC G . -15.34 8.15 -8.90
C8 OLC G . -17.25 6.80 -6.89
C24 OLC G . -25.05 8.95 0.10
C16 OLC G . -10.89 8.06 -13.03
C12 OLC G . -14.46 8.25 -10.16
C7 OLC G . -18.15 5.67 -6.37
C15 OLC G . -11.71 8.15 -11.75
C13 OLC G . -13.44 7.12 -10.24
C6 OLC G . -19.30 6.19 -5.51
C14 OLC G . -12.72 7.01 -11.58
C5 OLC G . -19.93 5.16 -4.59
C4 OLC G . -20.27 5.79 -3.23
C3 OLC G . -21.15 4.91 -2.33
C2 OLC G . -21.51 5.60 -0.99
C21 OLC G . -24.38 6.55 0.29
C1 OLC G . -22.54 4.84 -0.13
C22 OLC G . -24.07 7.97 0.76
O19 OLC G . -22.67 3.61 -0.16
O25 OLC G . -26.17 9.23 0.96
O23 OLC G . -24.18 8.06 2.20
O20 OLC G . -23.39 5.61 0.78
C10 OLC H . -8.42 10.46 -10.05
C9 OLC H . -7.82 11.11 -11.05
C17 OLC H . -13.89 10.04 -4.45
C11 OLC H . -8.79 11.05 -8.72
C8 OLC H . -7.37 12.55 -11.05
C16 OLC H . -12.47 10.62 -4.37
C12 OLC H . -10.16 10.46 -8.30
C7 OLC H . -6.64 12.86 -12.36
C15 OLC H . -11.39 9.63 -4.84
C13 OLC H . -10.04 9.65 -7.01
C6 OLC H . -5.90 11.66 -12.93
C14 OLC H . -11.41 9.50 -6.35
C5 OLC H . -4.53 12.02 -13.46
C4 OLC H . -3.64 10.78 -13.46
C3 OLC H . -2.18 11.18 -13.31
C2 OLC H . -1.27 9.99 -13.62
C1 OLC H . -0.10 10.48 -14.45
C18 OLC I . -0.97 -18.97 -6.56
C10 OLC I . -0.23 -14.50 -9.93
C9 OLC I . -0.55 -15.48 -10.79
C17 OLC I . 0.32 -18.54 -5.87
C11 OLC I . -1.13 -13.64 -9.02
C8 OLC I . -1.94 -16.00 -11.09
C24 OLC I . -8.20 -23.22 -10.67
C16 OLC I . 0.38 -17.04 -5.48
C12 OLC I . -0.24 -13.09 -7.89
C7 OLC I . -1.87 -17.52 -11.20
C15 OLC I . 1.36 -16.19 -6.32
C13 OLC I . 0.96 -14.01 -7.63
C6 OLC I . -1.43 -18.03 -12.57
C14 OLC I . 0.98 -14.71 -6.28
C5 OLC I . -1.81 -19.49 -12.85
C4 OLC I . -1.82 -20.42 -11.63
C3 OLC I . -3.10 -20.24 -10.81
C2 OLC I . -3.35 -21.42 -9.88
C21 OLC I . -6.24 -23.85 -9.36
C1 OLC I . -4.71 -22.02 -10.17
C22 OLC I . -7.68 -23.36 -9.23
O19 OLC I . -5.28 -21.90 -11.28
O25 OLC I . -9.63 -23.25 -10.84
O23 OLC I . -8.41 -24.29 -8.38
O20 OLC I . -5.35 -22.77 -9.09
C18 OLC J . -3.86 -11.26 17.82
C10 OLC J . 1.45 -11.66 11.10
C9 OLC J . 1.86 -12.30 10.01
C17 OLC J . -3.02 -12.34 17.18
C11 OLC J . 1.86 -12.08 12.51
C8 OLC J . 2.76 -13.52 10.13
C24 OLC J . -7.24 -20.67 5.89
C16 OLC J . -1.53 -12.08 17.42
C12 OLC J . 0.63 -12.28 13.39
C7 OLC J . 2.32 -14.85 9.49
C15 OLC J . -0.63 -13.11 16.73
C13 OLC J . 0.89 -13.10 14.66
C6 OLC J . 0.83 -15.04 9.31
C14 OLC J . 0.46 -12.39 15.93
C5 OLC J . 0.39 -16.35 9.92
C4 OLC J . -0.20 -17.26 8.85
C3 OLC J . -1.70 -17.07 8.68
C2 OLC J . -2.47 -18.33 9.08
C21 OLC J . -5.25 -20.25 7.28
C1 OLC J . -3.34 -18.79 7.94
C22 OLC J . -6.10 -19.69 6.14
O19 OLC J . -2.89 -18.79 6.81
O25 OLC J . -7.96 -20.22 4.75
O23 OLC J . -6.68 -18.42 6.45
O20 OLC J . -4.72 -19.26 8.15
C18 OLC K . 7.75 -15.21 -9.07
C10 OLC K . 9.16 -10.02 -3.78
C9 OLC K . 10.19 -9.54 -3.04
C17 OLC K . 6.54 -14.30 -9.11
C11 OLC K . 9.32 -10.69 -5.14
C8 OLC K . 11.60 -9.59 -3.52
C24 OLC K . 14.57 -3.67 -8.43
C16 OLC K . 6.80 -13.04 -9.94
C12 OLC K . 8.12 -10.37 -6.02
C7 OLC K . 12.56 -9.86 -2.38
C15 OLC K . 6.72 -11.77 -9.10
C13 OLC K . 7.63 -11.59 -6.76
C6 OLC K . 13.63 -10.91 -2.79
C14 OLC K . 7.98 -11.53 -8.25
C5 OLC K . 14.96 -10.31 -3.28
C4 OLC K . 15.25 -10.74 -4.72
C3 OLC K . 16.07 -9.76 -5.58
C2 OLC K . 15.37 -8.42 -5.95
C21 OLC K . 14.94 -6.13 -8.07
C1 OLC K . 14.28 -8.42 -7.04
C22 OLC K . 14.18 -4.89 -7.58
O19 OLC K . 13.42 -9.31 -7.06
O25 OLC K . 15.06 -2.55 -7.69
O23 OLC K . 12.76 -5.11 -7.62
O20 OLC K . 14.18 -7.36 -8.06
C18 OLC L . -2.51 8.74 16.50
C10 OLC L . 4.55 11.28 17.93
C9 OLC L . 5.28 12.29 17.47
C17 OLC L . -1.90 8.21 17.79
C11 OLC L . 5.04 9.86 17.80
C8 OLC L . 6.61 12.01 16.80
C24 OLC L . 17.39 13.38 17.44
C16 OLC L . -0.49 7.67 17.54
C12 OLC L . 4.22 8.95 18.70
C7 OLC L . 7.30 13.32 16.47
C15 OLC L . 0.55 8.77 17.67
C13 OLC L . 2.75 9.37 18.71
C6 OLC L . 7.65 14.10 17.74
C14 OLC L . 1.85 8.24 18.23
C5 OLC L . 9.08 14.64 17.66
C4 OLC L . 10.08 13.64 18.23
C3 OLC L . 11.33 13.57 17.37
C2 OLC L . 12.47 14.37 17.98
C21 OLC L . 15.26 14.60 17.07
C1 OLC L . 13.55 13.44 18.47
C22 OLC L . 16.77 14.70 17.02
O19 OLC L . 13.31 12.62 19.34
O25 OLC L . 18.16 13.57 18.62
O23 OLC L . 17.18 15.00 15.67
O20 OLC L . 14.88 13.51 17.90
C10 OLC M . -2.02 10.34 10.19
C9 OLC M . -1.59 10.03 11.44
C11 OLC M . -3.45 10.67 9.71
C8 OLC M . -2.49 9.89 12.66
C12 OLC M . -3.43 11.96 8.87
C7 OLC M . -2.66 8.43 13.09
C13 OLC M . -2.19 12.11 7.98
C6 OLC M . -2.80 7.46 11.91
C14 OLC M . -1.97 13.48 7.36
C5 OLC M . -4.24 7.17 11.54
C4 OLC M . -4.37 5.66 11.44
C3 OLC M . -5.50 5.14 12.30
C2 OLC M . -5.22 5.13 13.80
C1 OLC M . -6.12 4.09 14.44
C24 OLC N . 20.51 -5.51 -1.95
C21 OLC N . 19.65 -6.20 -4.17
C1 OLC N . 18.12 -6.59 -6.11
C22 OLC N . 20.15 -6.74 -2.81
O19 OLC N . 17.99 -7.31 -7.10
O25 OLC N . 21.00 -5.72 -0.60
O23 OLC N . 19.17 -7.62 -2.22
O20 OLC N . 18.77 -7.08 -4.89
#